data_9GTI
#
_entry.id   9GTI
#
_cell.length_a   85.907
_cell.length_b   85.907
_cell.length_c   163.285
_cell.angle_alpha   90.00
_cell.angle_beta   90.00
_cell.angle_gamma   120.00
#
_symmetry.space_group_name_H-M   'P 32 2 1'
#
loop_
_entity.id
_entity.type
_entity.pdbx_description
1 polymer Neuroplastin
2 non-polymer DI(HYDROXYETHYL)ETHER
3 non-polymer '4-(2-HYDROXYETHYL)-1-PIPERAZINE ETHANESULFONIC ACID'
4 water water
#
_entity_poly.entity_id   1
_entity_poly.type   'polypeptide(L)'
_entity_poly.pdbx_seq_one_letter_code
;METDTLLLWVLLLWVPGSTGDAAQPAARDQNAGFVKSPMSETKLTGDAFELYCDVVGSPTPEIQWWYAEVNRAESFRQLW
DGARKRRVTVNTAYGSNGVSVLRITRLTLEDSGTYECRASNDPKRNDLRQNPSITWIRAQATISVLQKEDLYFQSHHHHH
H
;
_entity_poly.pdbx_strand_id   A,B,C,D
#
# COMPACT_ATOMS: atom_id res chain seq x y z
N GLN A 30 13.30 3.85 21.89
CA GLN A 30 12.84 4.20 20.55
C GLN A 30 13.14 3.07 19.56
N ASN A 31 12.11 2.52 18.92
CA ASN A 31 12.38 1.68 17.75
C ASN A 31 13.02 2.53 16.66
N ALA A 32 13.79 1.87 15.79
CA ALA A 32 14.48 2.57 14.73
C ALA A 32 13.51 3.43 13.92
N GLY A 33 13.95 4.63 13.56
CA GLY A 33 13.22 5.45 12.62
C GLY A 33 14.18 6.15 11.66
N PHE A 34 13.70 6.38 10.44
CA PHE A 34 14.49 7.08 9.43
C PHE A 34 14.47 8.58 9.68
N VAL A 35 15.64 9.22 9.65
CA VAL A 35 15.73 10.66 9.64
C VAL A 35 16.14 11.21 8.27
N LYS A 36 16.94 10.45 7.51
CA LYS A 36 17.24 10.75 6.12
C LYS A 36 17.02 9.48 5.32
N SER A 37 16.32 9.60 4.20
CA SER A 37 15.93 8.47 3.37
C SER A 37 16.59 8.56 2.00
N PRO A 38 16.86 7.42 1.37
CA PRO A 38 17.40 7.46 0.00
C PRO A 38 16.42 8.12 -0.93
N MET A 39 16.96 8.73 -1.99
CA MET A 39 16.17 9.55 -2.90
C MET A 39 16.31 9.02 -4.33
N SER A 40 15.17 8.77 -4.97
CA SER A 40 15.17 8.27 -6.35
C SER A 40 15.96 9.18 -7.28
N GLU A 41 16.53 8.59 -8.33
CA GLU A 41 17.37 9.33 -9.26
C GLU A 41 17.45 8.61 -10.60
N THR A 42 17.58 9.39 -11.66
CA THR A 42 17.82 8.88 -13.01
C THR A 42 19.27 9.17 -13.40
N LYS A 43 19.92 8.21 -14.06
CA LYS A 43 21.34 8.31 -14.37
C LYS A 43 21.61 7.81 -15.79
N LEU A 44 22.76 8.20 -16.33
CA LEU A 44 23.25 7.64 -17.58
C LEU A 44 24.27 6.54 -17.29
N THR A 45 24.30 5.53 -18.17
CA THR A 45 25.31 4.49 -18.06
C THR A 45 26.70 5.11 -18.05
N GLY A 46 27.60 4.50 -17.28
CA GLY A 46 28.92 5.03 -17.05
C GLY A 46 29.01 6.00 -15.89
N ASP A 47 27.91 6.64 -15.52
CA ASP A 47 27.92 7.60 -14.42
C ASP A 47 27.97 6.81 -13.11
N ALA A 48 27.84 7.53 -11.99
CA ALA A 48 27.75 6.93 -10.67
C ALA A 48 26.61 7.58 -9.89
N PHE A 49 26.14 6.89 -8.85
CA PHE A 49 25.14 7.47 -7.95
C PHE A 49 25.53 7.20 -6.51
N GLU A 50 25.03 8.05 -5.63
CA GLU A 50 25.13 7.86 -4.18
C GLU A 50 23.75 7.98 -3.56
N LEU A 51 23.41 7.05 -2.67
CA LEU A 51 22.20 7.11 -1.88
C LEU A 51 22.57 7.17 -0.40
N TYR A 52 21.80 7.91 0.38
CA TYR A 52 22.16 8.15 1.77
C TYR A 52 21.04 7.69 2.70
N CYS A 53 21.45 7.30 3.91
CA CYS A 53 20.55 6.81 4.94
C CYS A 53 21.04 7.31 6.30
N ASP A 54 20.11 7.72 7.16
CA ASP A 54 20.42 8.18 8.50
C ASP A 54 19.27 7.80 9.41
N VAL A 55 19.56 7.06 10.48
CA VAL A 55 18.55 6.42 11.30
C VAL A 55 18.82 6.66 12.77
N VAL A 56 17.76 6.80 13.57
CA VAL A 56 17.87 6.99 15.00
C VAL A 56 17.14 5.85 15.73
N GLY A 57 17.41 5.74 17.02
CA GLY A 57 16.75 4.77 17.88
C GLY A 57 17.67 4.31 19.00
N SER A 58 17.10 3.49 19.89
CA SER A 58 17.85 2.97 21.04
C SER A 58 17.52 1.50 21.30
N PRO A 59 18.47 0.59 21.17
CA PRO A 59 19.89 0.82 20.84
C PRO A 59 20.06 1.34 19.41
N THR A 60 21.27 1.76 19.07
CA THR A 60 21.51 2.32 17.76
C THR A 60 21.17 1.27 16.70
N PRO A 61 20.41 1.64 15.67
CA PRO A 61 19.96 0.63 14.70
C PRO A 61 21.07 0.23 13.74
N GLU A 62 21.01 -1.02 13.32
CA GLU A 62 21.85 -1.47 12.22
C GLU A 62 21.28 -0.95 10.91
N ILE A 63 22.16 -0.70 9.94
CA ILE A 63 21.76 -0.30 8.58
C ILE A 63 22.21 -1.40 7.62
N GLN A 64 21.33 -1.77 6.70
CA GLN A 64 21.69 -2.60 5.57
C GLN A 64 21.10 -2.01 4.31
N TRP A 65 21.74 -2.26 3.17
CA TRP A 65 21.23 -1.84 1.87
C TRP A 65 20.72 -3.07 1.12
N TRP A 66 19.52 -2.97 0.55
CA TRP A 66 18.90 -4.06 -0.20
C TRP A 66 18.47 -3.56 -1.57
N TYR A 67 18.18 -4.50 -2.48
CA TYR A 67 17.91 -4.17 -3.87
C TYR A 67 17.02 -5.26 -4.48
N ALA A 68 16.20 -4.85 -5.45
CA ALA A 68 15.37 -5.74 -6.25
C ALA A 68 15.13 -5.12 -7.61
N GLU A 69 15.15 -5.93 -8.68
CA GLU A 69 14.78 -5.43 -10.00
C GLU A 69 13.30 -5.01 -10.00
N VAL A 70 12.46 -5.81 -9.36
CA VAL A 70 11.01 -5.62 -9.30
C VAL A 70 10.65 -5.50 -7.81
N ASN A 71 9.84 -4.52 -7.47
CA ASN A 71 9.62 -4.22 -6.05
C ASN A 71 8.62 -5.23 -5.48
N ARG A 72 9.15 -6.42 -5.19
CA ARG A 72 8.39 -7.52 -4.60
C ARG A 72 9.34 -8.31 -3.74
N ALA A 73 8.79 -8.92 -2.68
CA ALA A 73 9.65 -9.47 -1.65
C ALA A 73 10.55 -10.58 -2.17
N GLU A 74 10.06 -11.40 -3.12
CA GLU A 74 10.88 -12.49 -3.63
C GLU A 74 12.14 -12.00 -4.36
N SER A 75 12.18 -10.73 -4.77
CA SER A 75 13.30 -10.19 -5.54
C SER A 75 14.37 -9.50 -4.71
N PHE A 76 14.11 -9.21 -3.44
CA PHE A 76 15.02 -8.35 -2.67
C PHE A 76 16.21 -9.14 -2.13
N ARG A 77 17.43 -8.61 -2.31
CA ARG A 77 18.61 -9.22 -1.71
C ARG A 77 19.50 -8.14 -1.13
N GLN A 78 20.34 -8.54 -0.18
CA GLN A 78 21.22 -7.60 0.50
C GLN A 78 22.41 -7.26 -0.37
N LEU A 79 22.78 -5.99 -0.40
CA LEU A 79 24.01 -5.57 -1.06
C LEU A 79 25.09 -5.37 -0.01
N TRP A 80 26.33 -5.20 -0.46
CA TRP A 80 27.43 -5.10 0.49
C TRP A 80 28.58 -4.35 -0.15
N ASP A 81 29.47 -3.85 0.71
CA ASP A 81 30.64 -3.14 0.22
C ASP A 81 31.52 -4.07 -0.60
N GLY A 82 31.66 -3.77 -1.89
CA GLY A 82 32.38 -4.63 -2.81
C GLY A 82 31.51 -5.49 -3.69
N ALA A 83 30.19 -5.40 -3.57
CA ALA A 83 29.32 -6.15 -4.48
C ALA A 83 29.55 -5.69 -5.91
N ARG A 84 29.17 -6.56 -6.85
CA ARG A 84 29.31 -6.33 -8.28
C ARG A 84 30.75 -5.93 -8.63
N LYS A 85 31.70 -6.76 -8.19
CA LYS A 85 33.11 -6.60 -8.53
C LYS A 85 33.62 -5.20 -8.16
N ARG A 86 33.21 -4.72 -6.99
CA ARG A 86 33.61 -3.44 -6.39
C ARG A 86 33.07 -2.23 -7.13
N ARG A 87 32.09 -2.38 -8.02
CA ARG A 87 31.36 -1.20 -8.45
C ARG A 87 30.48 -0.65 -7.33
N VAL A 88 30.06 -1.51 -6.41
CA VAL A 88 29.23 -1.14 -5.26
C VAL A 88 30.13 -0.89 -4.07
N THR A 89 29.96 0.26 -3.44
CA THR A 89 30.67 0.62 -2.21
C THR A 89 29.67 0.98 -1.14
N VAL A 90 29.92 0.52 0.08
CA VAL A 90 29.06 0.81 1.23
C VAL A 90 29.93 1.34 2.35
N ASN A 91 29.66 2.59 2.78
CA ASN A 91 30.31 3.22 3.93
C ASN A 91 29.25 3.48 4.99
N THR A 92 29.36 2.81 6.13
CA THR A 92 28.40 2.91 7.23
C THR A 92 29.15 3.22 8.51
N ALA A 93 28.57 4.09 9.35
CA ALA A 93 29.19 4.44 10.62
C ALA A 93 28.12 4.56 11.70
N TYR A 94 28.48 4.17 12.92
CA TYR A 94 27.53 4.13 14.02
C TYR A 94 27.99 4.98 15.19
N GLY A 95 27.05 5.74 15.76
CA GLY A 95 27.27 6.41 17.01
C GLY A 95 26.00 6.35 17.83
N SER A 96 25.52 7.53 18.25
CA SER A 96 24.15 7.63 18.76
C SER A 96 23.14 7.23 17.68
N ASN A 97 23.45 7.55 16.43
CA ASN A 97 22.65 7.32 15.25
C ASN A 97 23.45 6.45 14.31
N GLY A 98 22.81 5.99 13.23
CA GLY A 98 23.50 5.30 12.15
C GLY A 98 23.40 6.13 10.87
N VAL A 99 24.48 6.12 10.09
CA VAL A 99 24.55 6.87 8.85
C VAL A 99 25.25 6.02 7.82
N SER A 100 24.84 6.15 6.56
CA SER A 100 25.40 5.28 5.54
C SER A 100 25.26 5.90 4.16
N VAL A 101 26.23 5.58 3.30
CA VAL A 101 26.16 5.89 1.87
C VAL A 101 26.37 4.61 1.09
N LEU A 102 25.49 4.38 0.13
CA LEU A 102 25.65 3.36 -0.89
C LEU A 102 26.06 4.05 -2.18
N ARG A 103 27.16 3.59 -2.78
CA ARG A 103 27.68 4.19 -4.01
C ARG A 103 27.85 3.09 -5.06
N ILE A 104 27.39 3.34 -6.27
CA ILE A 104 27.64 2.44 -7.39
C ILE A 104 28.19 3.25 -8.55
N THR A 105 29.33 2.81 -9.09
CA THR A 105 30.01 3.45 -10.21
C THR A 105 29.85 2.62 -11.47
N ARG A 106 30.22 3.25 -12.58
CA ARG A 106 30.21 2.63 -13.91
C ARG A 106 28.87 1.95 -14.15
N LEU A 107 27.81 2.77 -14.02
CA LEU A 107 26.46 2.24 -13.97
C LEU A 107 26.11 1.53 -15.26
N THR A 108 25.36 0.43 -15.13
CA THR A 108 24.85 -0.35 -16.25
C THR A 108 23.32 -0.32 -16.22
N LEU A 109 22.71 -0.71 -17.34
CA LEU A 109 21.25 -0.79 -17.38
C LEU A 109 20.72 -1.70 -16.28
N GLU A 110 21.41 -2.81 -16.02
CA GLU A 110 20.98 -3.77 -15.02
C GLU A 110 21.22 -3.31 -13.61
N ASP A 111 21.77 -2.10 -13.40
CA ASP A 111 21.73 -1.54 -12.06
C ASP A 111 20.39 -0.87 -11.75
N SER A 112 19.50 -0.73 -12.74
CA SER A 112 18.21 -0.12 -12.49
C SER A 112 17.39 -1.01 -11.56
N GLY A 113 16.54 -0.39 -10.77
CA GLY A 113 15.64 -1.14 -9.92
C GLY A 113 15.33 -0.36 -8.67
N THR A 114 14.91 -1.09 -7.65
CA THR A 114 14.49 -0.51 -6.39
C THR A 114 15.57 -0.74 -5.35
N TYR A 115 16.10 0.34 -4.79
CA TYR A 115 17.09 0.27 -3.71
C TYR A 115 16.42 0.71 -2.42
N GLU A 116 17.02 0.31 -1.30
CA GLU A 116 16.37 0.29 -0.02
C GLU A 116 17.40 0.42 1.09
N CYS A 117 17.23 1.40 1.97
CA CYS A 117 17.90 1.37 3.27
C CYS A 117 17.02 0.60 4.25
N ARG A 118 17.60 -0.40 4.93
CA ARG A 118 16.86 -1.15 5.95
C ARG A 118 17.50 -0.88 7.30
N ALA A 119 16.67 -0.74 8.33
CA ALA A 119 17.16 -0.40 9.65
C ALA A 119 16.42 -1.20 10.69
N SER A 120 17.15 -1.62 11.73
CA SER A 120 16.53 -2.29 12.85
C SER A 120 17.45 -2.19 14.06
N ASN A 121 16.84 -2.04 15.24
CA ASN A 121 17.51 -2.29 16.49
C ASN A 121 16.84 -3.44 17.26
N ASP A 122 16.18 -4.35 16.54
CA ASP A 122 15.61 -5.53 17.17
C ASP A 122 16.72 -6.52 17.50
N PRO A 123 16.76 -7.08 18.71
CA PRO A 123 17.84 -8.02 19.04
C PRO A 123 17.84 -9.27 18.16
N LYS A 124 16.68 -9.67 17.64
CA LYS A 124 16.58 -10.85 16.78
C LYS A 124 16.74 -10.52 15.29
N ARG A 125 17.27 -9.35 14.96
CA ARG A 125 17.20 -8.86 13.58
C ARG A 125 18.02 -9.70 12.61
N ASN A 126 19.08 -10.37 13.09
CA ASN A 126 19.93 -11.17 12.20
C ASN A 126 19.70 -12.67 12.39
N ASP A 127 18.69 -13.07 13.16
CA ASP A 127 18.39 -14.49 13.37
C ASP A 127 17.84 -15.11 12.09
N LEU A 128 18.57 -16.06 11.53
CA LEU A 128 18.18 -16.71 10.28
C LEU A 128 16.83 -17.40 10.40
N ASN A 131 11.46 -14.93 6.32
CA ASN A 131 11.18 -13.62 5.74
C ASN A 131 12.01 -12.55 6.45
N PRO A 132 13.03 -12.03 5.75
CA PRO A 132 14.02 -11.15 6.40
C PRO A 132 13.51 -9.75 6.74
N SER A 133 12.47 -9.24 6.12
CA SER A 133 12.07 -7.86 6.43
C SER A 133 11.27 -7.73 7.72
N ILE A 134 11.01 -8.82 8.45
CA ILE A 134 9.97 -8.79 9.47
C ILE A 134 10.37 -7.91 10.67
N THR A 135 11.65 -7.90 11.04
CA THR A 135 12.05 -7.10 12.20
C THR A 135 12.66 -5.75 11.82
N TRP A 136 12.69 -5.40 10.53
CA TRP A 136 13.31 -4.19 10.00
C TRP A 136 12.26 -3.23 9.44
N ILE A 137 12.64 -1.96 9.32
CA ILE A 137 11.89 -1.00 8.51
C ILE A 137 12.71 -0.70 7.25
N ARG A 138 12.01 -0.21 6.23
CA ARG A 138 12.58 -0.03 4.92
C ARG A 138 12.22 1.35 4.39
N ALA A 139 13.14 1.94 3.64
CA ALA A 139 12.90 3.19 2.93
C ALA A 139 13.50 3.08 1.54
N GLN A 140 12.64 3.18 0.52
CA GLN A 140 13.00 2.77 -0.83
C GLN A 140 13.24 3.97 -1.75
N ALA A 141 14.07 3.75 -2.77
CA ALA A 141 14.27 4.70 -3.86
C ALA A 141 14.37 3.96 -5.17
N THR A 142 13.90 4.60 -6.24
CA THR A 142 13.98 4.06 -7.58
C THR A 142 15.23 4.60 -8.27
N ILE A 143 16.04 3.72 -8.84
CA ILE A 143 17.16 4.12 -9.69
C ILE A 143 16.84 3.71 -11.12
N SER A 144 16.88 4.67 -12.05
CA SER A 144 16.73 4.40 -13.48
C SER A 144 18.03 4.75 -14.19
N VAL A 145 18.63 3.78 -14.87
CA VAL A 145 19.84 4.01 -15.66
C VAL A 145 19.45 3.96 -17.13
N LEU A 146 19.72 5.04 -17.85
CA LEU A 146 19.43 5.13 -19.28
C LEU A 146 20.73 5.05 -20.09
N GLN A 147 20.63 4.52 -21.31
CA GLN A 147 21.79 4.37 -22.18
C GLN A 147 22.16 5.71 -22.80
N LYS A 148 23.45 6.07 -22.73
CA LYS A 148 23.92 7.26 -23.42
C LYS A 148 23.43 7.23 -24.87
N GLU A 149 22.53 8.16 -25.19
CA GLU A 149 21.78 8.17 -26.45
C GLU A 149 21.00 6.86 -26.63
N GLN B 30 7.78 6.37 -11.64
CA GLN B 30 9.08 5.88 -12.17
C GLN B 30 10.18 6.83 -11.69
N ASN B 31 9.80 7.90 -10.99
CA ASN B 31 10.79 8.91 -10.54
C ASN B 31 10.36 9.53 -9.21
N ALA B 32 9.22 9.12 -8.66
CA ALA B 32 8.88 9.60 -7.32
C ALA B 32 10.00 9.23 -6.36
N GLY B 33 10.33 10.16 -5.46
CA GLY B 33 11.24 9.86 -4.36
C GLY B 33 10.77 10.53 -3.07
N PHE B 34 11.21 9.96 -1.95
CA PHE B 34 10.87 10.49 -0.64
C PHE B 34 11.82 11.62 -0.27
N VAL B 35 11.27 12.81 -0.02
CA VAL B 35 12.05 13.87 0.62
C VAL B 35 12.00 13.75 2.13
N LYS B 36 10.84 13.45 2.69
CA LYS B 36 10.70 13.22 4.12
C LYS B 36 9.82 12.01 4.32
N SER B 37 10.33 11.05 5.04
CA SER B 37 9.62 9.81 5.26
C SER B 37 9.00 9.78 6.65
N PRO B 38 8.00 8.94 6.87
CA PRO B 38 7.40 8.89 8.22
C PRO B 38 8.40 8.40 9.28
N MET B 39 8.22 8.90 10.49
CA MET B 39 9.14 8.68 11.60
C MET B 39 8.51 7.77 12.65
N SER B 40 9.20 6.69 13.03
CA SER B 40 8.72 5.78 14.07
C SER B 40 8.46 6.52 15.39
N GLU B 41 7.60 5.94 16.23
CA GLU B 41 7.20 6.64 17.45
C GLU B 41 6.57 5.67 18.46
N THR B 42 6.71 6.00 19.74
CA THR B 42 6.04 5.28 20.83
C THR B 42 4.98 6.17 21.46
N LYS B 43 3.78 5.61 21.68
CA LYS B 43 2.65 6.37 22.22
C LYS B 43 1.97 5.57 23.33
N LEU B 44 1.14 6.28 24.08
CA LEU B 44 0.31 5.70 25.13
C LEU B 44 -1.12 5.54 24.63
N THR B 45 -1.84 4.55 25.19
CA THR B 45 -3.26 4.41 24.85
C THR B 45 -4.00 5.70 25.14
N GLY B 46 -4.87 6.09 24.22
CA GLY B 46 -5.68 7.28 24.36
C GLY B 46 -5.13 8.50 23.66
N ASP B 47 -3.82 8.53 23.40
CA ASP B 47 -3.19 9.67 22.76
C ASP B 47 -3.47 9.60 21.25
N ALA B 48 -2.82 10.48 20.49
CA ALA B 48 -2.89 10.48 19.03
C ALA B 48 -1.49 10.57 18.46
N PHE B 49 -1.32 10.04 17.25
CA PHE B 49 -0.08 10.29 16.54
C PHE B 49 -0.40 10.91 15.19
N GLU B 50 0.62 11.49 14.57
CA GLU B 50 0.55 11.97 13.20
C GLU B 50 1.84 11.58 12.49
N LEU B 51 1.72 10.92 11.35
CA LEU B 51 2.86 10.63 10.50
C LEU B 51 2.82 11.53 9.28
N TYR B 52 4.00 11.84 8.76
CA TYR B 52 4.15 12.83 7.71
C TYR B 52 4.97 12.23 6.57
N CYS B 53 4.57 12.54 5.34
CA CYS B 53 5.21 11.99 4.16
C CYS B 53 5.28 13.07 3.10
N ASP B 54 6.45 13.24 2.49
CA ASP B 54 6.70 14.34 1.56
C ASP B 54 7.49 13.79 0.38
N VAL B 55 7.00 13.96 -0.83
CA VAL B 55 7.55 13.25 -1.98
C VAL B 55 7.69 14.20 -3.17
N VAL B 56 8.76 14.03 -3.95
CA VAL B 56 8.94 14.76 -5.20
C VAL B 56 8.83 13.77 -6.35
N GLY B 57 8.57 14.34 -7.53
CA GLY B 57 8.53 13.59 -8.77
C GLY B 57 7.87 14.42 -9.86
N SER B 58 8.16 14.12 -11.12
CA SER B 58 7.49 14.76 -12.25
C SER B 58 6.94 13.65 -13.13
N PRO B 59 5.62 13.54 -13.28
CA PRO B 59 4.59 14.40 -12.66
C PRO B 59 4.46 14.15 -11.15
N THR B 60 3.63 14.95 -10.50
CA THR B 60 3.45 14.86 -9.05
C THR B 60 2.99 13.45 -8.65
N PRO B 61 3.71 12.78 -7.75
CA PRO B 61 3.32 11.42 -7.34
C PRO B 61 2.08 11.41 -6.47
N GLU B 62 1.28 10.35 -6.64
CA GLU B 62 0.23 10.02 -5.69
C GLU B 62 0.83 9.45 -4.41
N ILE B 63 0.14 9.66 -3.28
CA ILE B 63 0.54 9.12 -1.99
C ILE B 63 -0.56 8.21 -1.46
N GLN B 64 -0.16 7.10 -0.85
CA GLN B 64 -1.07 6.24 -0.11
C GLN B 64 -0.41 5.85 1.21
N TRP B 65 -1.25 5.50 2.19
CA TRP B 65 -0.80 5.01 3.48
C TRP B 65 -1.24 3.56 3.67
N TRP B 66 -0.32 2.71 4.16
CA TRP B 66 -0.57 1.29 4.36
C TRP B 66 -0.07 0.89 5.73
N TYR B 67 -0.55 -0.26 6.21
CA TYR B 67 -0.30 -0.69 7.58
C TYR B 67 -0.21 -2.21 7.61
N ALA B 68 0.58 -2.74 8.55
CA ALA B 68 0.61 -4.18 8.83
C ALA B 68 1.03 -4.39 10.28
N GLU B 69 0.43 -5.39 10.93
CA GLU B 69 0.86 -5.76 12.29
C GLU B 69 2.28 -6.32 12.26
N VAL B 70 2.59 -7.10 11.24
CA VAL B 70 3.89 -7.72 11.03
C VAL B 70 4.37 -7.28 9.67
N ASN B 71 5.66 -6.94 9.55
CA ASN B 71 6.20 -6.30 8.35
C ASN B 71 6.47 -7.37 7.30
N ARG B 72 5.41 -7.80 6.65
CA ARG B 72 5.47 -8.80 5.59
C ARG B 72 4.35 -8.47 4.61
N ALA B 73 4.57 -8.74 3.32
CA ALA B 73 3.62 -8.21 2.33
C ALA B 73 2.22 -8.82 2.49
N GLU B 74 2.13 -10.03 3.03
CA GLU B 74 0.85 -10.70 3.23
C GLU B 74 -0.08 -9.91 4.15
N SER B 75 0.47 -9.13 5.07
CA SER B 75 -0.33 -8.45 6.08
C SER B 75 -0.64 -6.99 5.77
N PHE B 76 -0.07 -6.42 4.71
CA PHE B 76 -0.24 -5.00 4.46
C PHE B 76 -1.60 -4.74 3.81
N ARG B 77 -2.27 -3.69 4.30
CA ARG B 77 -3.55 -3.25 3.76
C ARG B 77 -3.59 -1.72 3.75
N GLN B 78 -4.38 -1.17 2.84
CA GLN B 78 -4.42 0.28 2.70
C GLN B 78 -5.32 0.90 3.75
N LEU B 79 -4.81 1.91 4.45
CA LEU B 79 -5.63 2.72 5.34
C LEU B 79 -6.25 3.86 4.53
N TRP B 80 -7.27 4.50 5.10
CA TRP B 80 -7.97 5.55 4.37
C TRP B 80 -8.69 6.45 5.37
N ASP B 81 -9.08 7.62 4.87
CA ASP B 81 -9.70 8.65 5.67
C ASP B 81 -11.06 8.18 6.19
N GLY B 82 -11.18 8.04 7.50
CA GLY B 82 -12.38 7.51 8.13
C GLY B 82 -12.20 6.14 8.74
N ALA B 83 -11.08 5.47 8.52
CA ALA B 83 -10.88 4.10 8.97
C ALA B 83 -10.94 4.00 10.49
N ARG B 84 -11.15 2.77 10.97
CA ARG B 84 -11.20 2.44 12.38
C ARG B 84 -12.17 3.36 13.13
N LYS B 85 -13.43 3.27 12.71
CA LYS B 85 -14.52 4.04 13.33
C LYS B 85 -14.18 5.52 13.36
N ARG B 86 -13.59 5.99 12.28
CA ARG B 86 -13.26 7.40 12.06
C ARG B 86 -12.16 7.91 12.98
N ARG B 87 -11.43 7.00 13.66
CA ARG B 87 -10.22 7.41 14.35
C ARG B 87 -9.07 7.73 13.39
N VAL B 88 -9.17 7.30 12.13
CA VAL B 88 -8.11 7.49 11.15
C VAL B 88 -8.51 8.61 10.21
N THR B 89 -7.70 9.67 10.13
CA THR B 89 -7.85 10.67 9.09
C THR B 89 -6.60 10.72 8.22
N VAL B 90 -6.79 11.06 6.95
CA VAL B 90 -5.73 11.25 5.98
C VAL B 90 -5.96 12.58 5.28
N ASN B 91 -4.97 13.47 5.35
CA ASN B 91 -5.02 14.76 4.67
C ASN B 91 -3.83 14.84 3.72
N THR B 92 -4.11 14.95 2.43
CA THR B 92 -3.08 14.92 1.40
C THR B 92 -3.27 16.15 0.52
N ALA B 93 -2.16 16.75 0.10
CA ALA B 93 -2.19 17.88 -0.82
C ALA B 93 -1.18 17.65 -1.92
N TYR B 94 -1.56 18.01 -3.14
CA TYR B 94 -0.75 17.80 -4.34
C TYR B 94 -0.48 19.14 -4.99
N GLY B 95 0.80 19.46 -5.18
CA GLY B 95 1.17 20.57 -6.01
C GLY B 95 2.26 20.13 -6.95
N SER B 96 3.40 20.80 -6.91
CA SER B 96 4.59 20.21 -7.50
C SER B 96 5.04 18.98 -6.70
N ASN B 97 4.84 19.01 -5.39
CA ASN B 97 5.13 17.89 -4.51
C ASN B 97 3.85 17.23 -4.03
N GLY B 98 4.00 16.06 -3.45
CA GLY B 98 2.96 15.41 -2.69
C GLY B 98 3.32 15.51 -1.21
N VAL B 99 2.34 15.88 -0.41
CA VAL B 99 2.51 16.03 1.03
C VAL B 99 1.28 15.45 1.72
N SER B 100 1.48 14.60 2.72
CA SER B 100 0.33 13.94 3.34
C SER B 100 0.58 13.73 4.83
N VAL B 101 -0.51 13.74 5.61
CA VAL B 101 -0.42 13.40 7.03
C VAL B 101 -1.44 12.32 7.34
N LEU B 102 -1.00 11.26 8.02
CA LEU B 102 -1.87 10.25 8.56
C LEU B 102 -1.99 10.49 10.06
N ARG B 103 -3.23 10.58 10.55
CA ARG B 103 -3.48 10.86 11.95
C ARG B 103 -4.44 9.81 12.51
N ILE B 104 -4.09 9.25 13.66
CA ILE B 104 -4.96 8.28 14.33
C ILE B 104 -5.13 8.76 15.77
N THR B 105 -6.38 8.96 16.19
CA THR B 105 -6.70 9.41 17.54
C THR B 105 -7.13 8.24 18.41
N ARG B 106 -7.14 8.50 19.72
CA ARG B 106 -7.65 7.57 20.73
C ARG B 106 -6.99 6.20 20.59
N LEU B 107 -5.66 6.22 20.61
CA LEU B 107 -4.87 5.05 20.26
C LEU B 107 -5.16 3.86 21.18
N THR B 108 -5.20 2.68 20.59
CA THR B 108 -5.38 1.41 21.26
C THR B 108 -4.15 0.54 21.03
N LEU B 109 -4.03 -0.54 21.81
CA LEU B 109 -2.88 -1.42 21.65
C LEU B 109 -2.77 -1.96 20.23
N GLU B 110 -3.92 -2.25 19.61
CA GLU B 110 -3.95 -2.84 18.28
C GLU B 110 -3.70 -1.81 17.17
N ASP B 111 -3.41 -0.55 17.50
CA ASP B 111 -2.88 0.37 16.50
C ASP B 111 -1.38 0.21 16.30
N SER B 112 -0.72 -0.62 17.14
CA SER B 112 0.70 -0.89 17.00
C SER B 112 0.99 -1.65 15.72
N GLY B 113 2.12 -1.35 15.11
CA GLY B 113 2.57 -2.12 13.98
C GLY B 113 3.40 -1.27 13.05
N THR B 114 3.48 -1.71 11.79
CA THR B 114 4.29 -1.04 10.79
C THR B 114 3.40 -0.18 9.92
N TYR B 115 3.66 1.12 9.89
CA TYR B 115 2.96 2.03 9.00
C TYR B 115 3.90 2.47 7.89
N GLU B 116 3.31 2.90 6.79
CA GLU B 116 4.02 2.98 5.52
C GLU B 116 3.40 4.08 4.67
N CYS B 117 4.20 5.05 4.23
CA CYS B 117 3.84 5.90 3.11
C CYS B 117 4.25 5.22 1.79
N ARG B 118 3.35 5.20 0.81
CA ARG B 118 3.69 4.69 -0.51
C ARG B 118 3.48 5.79 -1.53
N ALA B 119 4.37 5.87 -2.52
CA ALA B 119 4.30 6.93 -3.51
C ALA B 119 4.65 6.39 -4.88
N SER B 120 4.06 6.99 -5.91
CA SER B 120 4.31 6.61 -7.29
C SER B 120 3.71 7.64 -8.23
N ASN B 121 4.39 7.87 -9.36
CA ASN B 121 3.79 8.55 -10.51
C ASN B 121 3.76 7.67 -11.76
N ASP B 122 4.00 6.37 -11.61
CA ASP B 122 3.84 5.44 -12.71
C ASP B 122 2.38 5.43 -13.20
N PRO B 123 2.13 5.62 -14.49
CA PRO B 123 0.75 5.65 -14.98
C PRO B 123 -0.01 4.35 -14.77
N LYS B 124 0.66 3.24 -14.47
CA LYS B 124 -0.03 1.99 -14.21
C LYS B 124 -0.07 1.62 -12.73
N ARG B 125 0.23 2.57 -11.86
CA ARG B 125 0.29 2.31 -10.42
C ARG B 125 -1.03 1.82 -9.83
N ASN B 126 -2.15 2.12 -10.48
CA ASN B 126 -3.43 1.74 -9.90
C ASN B 126 -4.08 0.58 -10.65
N ASP B 127 -3.34 -0.06 -11.54
CA ASP B 127 -3.87 -1.27 -12.21
C ASP B 127 -4.02 -2.36 -11.14
N LEU B 128 -4.92 -3.30 -11.36
CA LEU B 128 -5.19 -4.33 -10.31
C LEU B 128 -4.39 -5.59 -10.61
N ARG B 129 -3.99 -5.79 -11.86
CA ARG B 129 -3.30 -7.04 -12.24
C ARG B 129 -1.85 -6.99 -11.76
N GLN B 130 -1.62 -6.74 -10.47
CA GLN B 130 -0.24 -6.60 -9.99
C GLN B 130 -0.08 -6.63 -8.47
N ASN B 131 0.90 -7.38 -7.98
CA ASN B 131 1.31 -7.24 -6.58
C ASN B 131 1.32 -5.75 -6.24
N PRO B 132 0.60 -5.31 -5.22
CA PRO B 132 0.38 -3.85 -5.07
C PRO B 132 1.65 -3.04 -4.96
N SER B 133 2.75 -3.61 -4.47
CA SER B 133 3.96 -2.80 -4.30
C SER B 133 4.75 -2.59 -5.59
N ILE B 134 4.46 -3.30 -6.68
CA ILE B 134 5.41 -3.37 -7.80
C ILE B 134 5.68 -2.00 -8.44
N THR B 135 4.66 -1.16 -8.58
CA THR B 135 4.90 0.14 -9.22
C THR B 135 5.07 1.28 -8.21
N TRP B 136 5.22 0.97 -6.93
CA TRP B 136 5.28 1.96 -5.86
C TRP B 136 6.61 1.84 -5.12
N ILE B 137 6.99 2.91 -4.43
CA ILE B 137 8.05 2.85 -3.44
C ILE B 137 7.46 3.15 -2.07
N ARG B 138 8.13 2.65 -1.03
CA ARG B 138 7.60 2.59 0.32
C ARG B 138 8.59 3.17 1.31
N ALA B 139 8.06 3.88 2.31
CA ALA B 139 8.86 4.39 3.42
C ALA B 139 8.13 4.11 4.74
N GLN B 140 8.79 3.38 5.65
CA GLN B 140 8.15 2.75 6.79
C GLN B 140 8.55 3.38 8.13
N ALA B 141 7.61 3.29 9.08
CA ALA B 141 7.84 3.66 10.48
C ALA B 141 7.11 2.66 11.36
N THR B 142 7.69 2.40 12.54
CA THR B 142 7.08 1.53 13.53
C THR B 142 6.33 2.38 14.55
N ILE B 143 5.08 2.02 14.83
CA ILE B 143 4.32 2.66 15.90
C ILE B 143 4.14 1.66 17.02
N SER B 144 4.61 2.03 18.22
CA SER B 144 4.37 1.25 19.42
C SER B 144 3.40 2.00 20.33
N VAL B 145 2.34 1.32 20.74
CA VAL B 145 1.32 1.89 21.62
C VAL B 145 1.39 1.14 22.94
N LEU B 146 1.70 1.84 24.01
CA LEU B 146 1.80 1.26 25.35
C LEU B 146 0.53 1.54 26.16
N GLN B 147 0.24 0.60 27.06
CA GLN B 147 -0.95 0.72 27.94
C GLN B 147 -0.68 1.78 29.02
N LYS B 148 -1.65 2.66 29.24
CA LYS B 148 -1.51 3.76 30.22
C LYS B 148 -0.91 3.25 31.54
N GLU B 149 -1.37 2.08 31.99
CA GLU B 149 -0.83 1.47 33.24
C GLU B 149 0.65 1.13 33.06
N ALA C 26 -27.19 -14.13 4.82
CA ALA C 26 -26.67 -15.50 4.68
C ALA C 26 -27.70 -16.57 5.04
N ALA C 27 -28.74 -16.22 5.77
CA ALA C 27 -29.78 -17.21 6.13
C ALA C 27 -30.63 -17.57 4.92
N ARG C 28 -30.65 -16.72 3.89
CA ARG C 28 -31.55 -16.96 2.73
C ARG C 28 -30.86 -17.76 1.63
N ASP C 29 -29.59 -17.45 1.31
CA ASP C 29 -28.95 -18.09 0.13
C ASP C 29 -27.78 -18.99 0.53
N GLN C 30 -27.72 -19.45 1.78
CA GLN C 30 -26.60 -20.29 2.25
C GLN C 30 -27.14 -21.26 3.30
N ASN C 31 -26.61 -22.48 3.30
CA ASN C 31 -27.05 -23.44 4.31
C ASN C 31 -25.95 -24.35 4.83
N ALA C 32 -24.71 -24.22 4.35
CA ALA C 32 -23.63 -25.04 4.84
C ALA C 32 -23.41 -24.86 6.33
N GLY C 33 -22.88 -25.90 6.97
CA GLY C 33 -22.66 -25.86 8.40
C GLY C 33 -21.42 -26.62 8.79
N PHE C 34 -20.77 -26.17 9.85
CA PHE C 34 -19.56 -26.83 10.34
C PHE C 34 -19.90 -28.13 11.07
N VAL C 35 -19.20 -29.19 10.69
CA VAL C 35 -19.20 -30.43 11.45
C VAL C 35 -17.90 -30.63 12.21
N LYS C 36 -16.78 -30.22 11.60
CA LYS C 36 -15.52 -30.16 12.33
C LYS C 36 -14.92 -28.78 12.10
N SER C 37 -14.38 -28.21 13.17
CA SER C 37 -13.91 -26.83 13.20
C SER C 37 -12.47 -26.77 13.66
N PRO C 38 -11.71 -25.77 13.22
CA PRO C 38 -10.32 -25.67 13.65
C PRO C 38 -10.25 -25.44 15.15
N MET C 39 -9.18 -25.93 15.76
CA MET C 39 -9.03 -25.97 17.20
C MET C 39 -7.82 -25.16 17.65
N SER C 40 -8.03 -24.21 18.56
CA SER C 40 -6.91 -23.43 19.08
C SER C 40 -5.82 -24.32 19.67
N GLU C 41 -4.60 -23.78 19.75
CA GLU C 41 -3.44 -24.59 20.08
C GLU C 41 -2.25 -23.69 20.35
N THR C 42 -1.34 -24.17 21.21
CA THR C 42 -0.08 -23.47 21.47
C THR C 42 1.08 -24.35 21.04
N LYS C 43 2.05 -23.76 20.35
CA LYS C 43 3.17 -24.51 19.76
C LYS C 43 4.48 -23.76 19.99
N LEU C 44 5.57 -24.50 19.87
CA LEU C 44 6.92 -23.94 19.98
C LEU C 44 7.46 -23.58 18.62
N THR C 45 8.31 -22.54 18.57
CA THR C 45 8.98 -22.20 17.32
C THR C 45 9.73 -23.41 16.80
N GLY C 46 9.63 -23.63 15.49
CA GLY C 46 10.24 -24.77 14.83
C GLY C 46 9.31 -25.94 14.63
N ASP C 47 8.22 -26.02 15.41
CA ASP C 47 7.26 -27.11 15.31
C ASP C 47 6.35 -26.89 14.10
N ALA C 48 5.37 -27.80 13.94
CA ALA C 48 4.31 -27.67 12.94
C ALA C 48 2.96 -27.83 13.60
N PHE C 49 1.92 -27.23 12.99
CA PHE C 49 0.55 -27.50 13.42
C PHE C 49 -0.31 -27.86 12.22
N GLU C 50 -1.48 -28.41 12.52
CA GLU C 50 -2.48 -28.76 11.51
C GLU C 50 -3.86 -28.41 12.05
N LEU C 51 -4.65 -27.68 11.27
CA LEU C 51 -6.03 -27.37 11.63
C LEU C 51 -6.96 -28.05 10.65
N TYR C 52 -8.16 -28.38 11.12
CA TYR C 52 -9.09 -29.15 10.32
C TYR C 52 -10.44 -28.44 10.26
N CYS C 53 -11.08 -28.57 9.11
CA CYS C 53 -12.40 -28.03 8.83
C CYS C 53 -13.19 -29.09 8.08
N ASP C 54 -14.48 -29.22 8.42
CA ASP C 54 -15.34 -30.21 7.78
C ASP C 54 -16.74 -29.63 7.76
N VAL C 55 -17.30 -29.49 6.56
CA VAL C 55 -18.52 -28.72 6.35
C VAL C 55 -19.50 -29.53 5.52
N VAL C 56 -20.78 -29.40 5.84
CA VAL C 56 -21.85 -30.12 5.16
C VAL C 56 -22.77 -29.08 4.55
N GLY C 57 -23.67 -29.55 3.69
CA GLY C 57 -24.67 -28.68 3.09
C GLY C 57 -25.12 -29.25 1.77
N SER C 58 -26.15 -28.62 1.22
CA SER C 58 -26.63 -28.99 -0.11
C SER C 58 -26.75 -27.73 -0.94
N PRO C 59 -25.87 -27.53 -1.94
CA PRO C 59 -24.84 -28.47 -2.40
C PRO C 59 -23.57 -28.49 -1.55
N THR C 60 -22.59 -29.28 -2.00
CA THR C 60 -21.31 -29.32 -1.33
C THR C 60 -20.78 -27.89 -1.18
N PRO C 61 -20.34 -27.48 0.01
CA PRO C 61 -19.89 -26.11 0.21
C PRO C 61 -18.41 -25.94 -0.10
N GLU C 62 -18.06 -24.72 -0.49
CA GLU C 62 -16.66 -24.37 -0.67
C GLU C 62 -16.04 -24.01 0.68
N ILE C 63 -14.75 -24.35 0.82
CA ILE C 63 -13.98 -24.04 2.01
C ILE C 63 -12.83 -23.11 1.62
N GLN C 64 -12.60 -22.06 2.43
CA GLN C 64 -11.41 -21.24 2.33
C GLN C 64 -10.80 -21.08 3.72
N TRP C 65 -9.50 -20.84 3.78
CA TRP C 65 -8.82 -20.55 5.05
C TRP C 65 -8.36 -19.10 5.05
N TRP C 66 -8.60 -18.41 6.17
CA TRP C 66 -8.27 -17.01 6.33
C TRP C 66 -7.50 -16.84 7.64
N TYR C 67 -6.83 -15.71 7.78
CA TYR C 67 -5.96 -15.47 8.93
C TYR C 67 -5.86 -13.98 9.21
N ALA C 68 -5.57 -13.64 10.47
CA ALA C 68 -5.33 -12.26 10.85
C ALA C 68 -4.49 -12.26 12.13
N GLU C 69 -3.59 -11.28 12.26
CA GLU C 69 -2.85 -11.14 13.51
C GLU C 69 -3.77 -10.72 14.64
N VAL C 70 -4.67 -9.79 14.34
CA VAL C 70 -5.67 -9.27 15.28
C VAL C 70 -7.04 -9.61 14.72
N ASN C 71 -7.90 -10.17 15.56
CA ASN C 71 -9.22 -10.65 15.15
C ASN C 71 -10.10 -9.43 14.87
N ARG C 72 -9.95 -8.88 13.66
CA ARG C 72 -10.73 -7.73 13.20
C ARG C 72 -10.74 -7.81 11.69
N ALA C 73 -11.79 -7.25 11.07
CA ALA C 73 -11.98 -7.50 9.65
C ALA C 73 -10.84 -6.94 8.81
N GLU C 74 -10.23 -5.81 9.23
CA GLU C 74 -9.21 -5.21 8.37
C GLU C 74 -7.97 -6.08 8.24
N SER C 75 -7.74 -6.98 9.19
CA SER C 75 -6.51 -7.77 9.21
C SER C 75 -6.65 -9.13 8.53
N PHE C 76 -7.87 -9.54 8.16
CA PHE C 76 -8.08 -10.88 7.62
C PHE C 76 -7.72 -10.98 6.14
N ARG C 77 -6.95 -12.00 5.79
CA ARG C 77 -6.57 -12.23 4.42
C ARG C 77 -6.70 -13.73 4.17
N GLN C 78 -6.96 -14.08 2.91
CA GLN C 78 -7.09 -15.48 2.55
C GLN C 78 -5.70 -16.12 2.44
N LEU C 79 -5.55 -17.31 3.01
CA LEU C 79 -4.34 -18.10 2.83
C LEU C 79 -4.54 -19.09 1.69
N TRP C 80 -3.43 -19.69 1.25
CA TRP C 80 -3.47 -20.58 0.09
C TRP C 80 -2.33 -21.59 0.22
N ASP C 81 -2.49 -22.70 -0.49
CA ASP C 81 -1.45 -23.71 -0.49
C ASP C 81 -0.17 -23.16 -1.12
N GLY C 82 0.91 -23.15 -0.35
CA GLY C 82 2.17 -22.57 -0.77
C GLY C 82 2.52 -21.24 -0.14
N ALA C 83 1.61 -20.67 0.66
CA ALA C 83 1.87 -19.38 1.28
C ALA C 83 3.07 -19.48 2.21
N ARG C 84 3.61 -18.31 2.55
CA ARG C 84 4.77 -18.18 3.45
C ARG C 84 5.90 -19.11 3.03
N LYS C 85 6.30 -19.00 1.75
CA LYS C 85 7.46 -19.71 1.21
C LYS C 85 7.34 -21.21 1.38
N ARG C 86 6.14 -21.73 1.12
CA ARG C 86 5.75 -23.13 1.18
C ARG C 86 5.62 -23.66 2.60
N ARG C 87 5.83 -22.85 3.64
CA ARG C 87 5.55 -23.33 5.00
C ARG C 87 4.06 -23.60 5.19
N VAL C 88 3.19 -22.95 4.43
CA VAL C 88 1.74 -23.14 4.53
C VAL C 88 1.29 -24.15 3.49
N THR C 89 0.59 -25.18 3.94
CA THR C 89 -0.01 -26.18 3.06
C THR C 89 -1.51 -26.21 3.28
N VAL C 90 -2.25 -26.28 2.19
CA VAL C 90 -3.70 -26.44 2.22
C VAL C 90 -4.03 -27.65 1.36
N ASN C 91 -4.69 -28.65 1.95
CA ASN C 91 -5.19 -29.80 1.22
C ASN C 91 -6.70 -29.87 1.43
N THR C 92 -7.47 -29.61 0.38
CA THR C 92 -8.92 -29.60 0.45
C THR C 92 -9.50 -30.62 -0.54
N ALA C 93 -10.48 -31.40 -0.09
CA ALA C 93 -11.17 -32.35 -0.95
C ALA C 93 -12.66 -32.09 -0.87
N TYR C 94 -13.34 -32.17 -2.01
CA TYR C 94 -14.78 -32.01 -2.10
C TYR C 94 -15.41 -33.32 -2.53
N GLY C 95 -16.10 -33.98 -1.61
CA GLY C 95 -16.95 -35.08 -1.95
C GLY C 95 -18.40 -34.67 -1.78
N SER C 96 -19.13 -35.38 -0.90
CA SER C 96 -20.45 -34.90 -0.52
C SER C 96 -20.34 -33.70 0.39
N ASN C 97 -19.45 -33.78 1.37
CA ASN C 97 -19.07 -32.65 2.21
C ASN C 97 -17.71 -32.11 1.78
N GLY C 98 -17.33 -30.96 2.35
CA GLY C 98 -16.02 -30.40 2.14
C GLY C 98 -15.15 -30.65 3.37
N VAL C 99 -13.95 -31.18 3.14
CA VAL C 99 -13.00 -31.39 4.21
C VAL C 99 -11.68 -30.72 3.82
N SER C 100 -10.96 -30.23 4.83
CA SER C 100 -9.76 -29.47 4.55
C SER C 100 -8.81 -29.55 5.73
N VAL C 101 -7.53 -29.47 5.41
CA VAL C 101 -6.45 -29.42 6.40
C VAL C 101 -5.59 -28.21 6.09
N LEU C 102 -5.25 -27.44 7.11
CA LEU C 102 -4.29 -26.35 6.99
C LEU C 102 -3.09 -26.69 7.85
N ARG C 103 -1.91 -26.67 7.24
CA ARG C 103 -0.68 -27.08 7.92
C ARG C 103 0.35 -25.99 7.76
N ILE C 104 1.01 -25.62 8.85
CA ILE C 104 2.11 -24.66 8.81
C ILE C 104 3.29 -25.28 9.55
N THR C 105 4.41 -25.39 8.86
CA THR C 105 5.60 -26.01 9.40
C THR C 105 6.65 -24.95 9.74
N ARG C 106 7.65 -25.37 10.52
CA ARG C 106 8.78 -24.53 10.90
C ARG C 106 8.30 -23.20 11.49
N LEU C 107 7.52 -23.32 12.56
CA LEU C 107 6.69 -22.22 13.01
C LEU C 107 7.53 -21.08 13.58
N THR C 108 7.10 -19.85 13.30
CA THR C 108 7.72 -18.64 13.81
C THR C 108 6.76 -17.96 14.78
N LEU C 109 7.27 -16.97 15.51
CA LEU C 109 6.39 -16.17 16.34
C LEU C 109 5.31 -15.49 15.52
N GLU C 110 5.63 -15.10 14.29
CA GLU C 110 4.73 -14.33 13.43
C GLU C 110 3.64 -15.18 12.80
N ASP C 111 3.71 -16.50 12.94
CA ASP C 111 2.57 -17.35 12.60
C ASP C 111 1.47 -17.33 13.68
N SER C 112 1.68 -16.66 14.80
CA SER C 112 0.65 -16.54 15.82
C SER C 112 -0.48 -15.64 15.34
N GLY C 113 -1.69 -15.94 15.78
CA GLY C 113 -2.84 -15.10 15.50
C GLY C 113 -4.11 -15.93 15.36
N THR C 114 -5.09 -15.34 14.67
CA THR C 114 -6.40 -15.98 14.51
C THR C 114 -6.47 -16.59 13.12
N TYR C 115 -6.67 -17.90 13.07
CA TYR C 115 -6.95 -18.62 11.84
C TYR C 115 -8.42 -19.00 11.84
N GLU C 116 -9.01 -19.08 10.64
CA GLU C 116 -10.41 -19.46 10.56
C GLU C 116 -10.70 -20.19 9.26
N CYS C 117 -11.61 -21.15 9.34
CA CYS C 117 -12.21 -21.80 8.19
C CYS C 117 -13.48 -21.05 7.83
N ARG C 118 -13.61 -20.66 6.58
CA ARG C 118 -14.82 -20.04 6.08
C ARG C 118 -15.48 -21.00 5.09
N ALA C 119 -16.81 -21.02 5.07
CA ALA C 119 -17.48 -21.96 4.20
C ALA C 119 -18.74 -21.31 3.67
N SER C 120 -19.11 -21.70 2.44
CA SER C 120 -20.35 -21.23 1.81
C SER C 120 -20.74 -22.18 0.69
N ASN C 121 -22.05 -22.37 0.53
CA ASN C 121 -22.59 -22.97 -0.69
C ASN C 121 -23.60 -22.05 -1.36
N ASP C 122 -23.50 -20.76 -1.10
CA ASP C 122 -24.22 -19.76 -1.88
C ASP C 122 -23.71 -19.76 -3.32
N PRO C 123 -24.61 -19.75 -4.32
CA PRO C 123 -24.16 -19.51 -5.71
C PRO C 123 -23.34 -18.24 -5.90
N LYS C 124 -23.76 -17.12 -5.31
CA LYS C 124 -23.09 -15.84 -5.45
C LYS C 124 -21.86 -15.68 -4.56
N ARG C 125 -21.35 -16.78 -3.97
CA ARG C 125 -20.35 -16.66 -2.90
C ARG C 125 -19.04 -16.06 -3.39
N ASN C 126 -18.76 -16.08 -4.69
CA ASN C 126 -17.57 -15.45 -5.22
C ASN C 126 -17.89 -14.24 -6.09
N ASP C 127 -19.14 -13.78 -6.07
CA ASP C 127 -19.63 -12.58 -6.74
C ASP C 127 -19.05 -12.38 -8.14
N ILE C 134 -21.77 -10.53 3.96
CA ILE C 134 -21.17 -11.68 3.31
C ILE C 134 -22.09 -12.89 3.49
N THR C 135 -21.95 -13.85 2.59
CA THR C 135 -22.77 -15.06 2.61
C THR C 135 -21.94 -16.27 3.00
N TRP C 136 -20.87 -16.04 3.77
CA TRP C 136 -19.98 -17.06 4.28
C TRP C 136 -20.17 -17.18 5.79
N ILE C 137 -19.83 -18.34 6.35
CA ILE C 137 -19.78 -18.48 7.80
C ILE C 137 -18.36 -18.87 8.17
N ARG C 138 -18.03 -18.65 9.45
CA ARG C 138 -16.64 -18.79 9.87
C ARG C 138 -16.54 -19.52 11.21
N ALA C 139 -15.42 -20.22 11.38
CA ALA C 139 -15.10 -20.91 12.63
C ALA C 139 -13.64 -20.66 12.91
N GLN C 140 -13.35 -20.02 14.04
CA GLN C 140 -12.05 -19.42 14.34
C GLN C 140 -11.27 -20.23 15.37
N ALA C 141 -9.93 -20.18 15.25
CA ALA C 141 -9.03 -20.75 16.25
C ALA C 141 -7.89 -19.77 16.52
N THR C 142 -7.34 -19.88 17.72
CA THR C 142 -6.22 -19.04 18.13
C THR C 142 -4.96 -19.90 18.12
N ILE C 143 -3.93 -19.43 17.41
CA ILE C 143 -2.63 -20.09 17.38
C ILE C 143 -1.63 -19.18 18.09
N SER C 144 -0.89 -19.75 19.03
CA SER C 144 0.08 -19.01 19.81
C SER C 144 1.39 -19.76 19.73
N VAL C 145 2.43 -19.09 19.23
CA VAL C 145 3.74 -19.72 19.05
C VAL C 145 4.72 -19.09 20.03
N LEU C 146 5.35 -19.92 20.84
CA LEU C 146 6.32 -19.48 21.83
C LEU C 146 7.72 -19.92 21.43
N GLN C 147 8.71 -19.08 21.68
CA GLN C 147 10.08 -19.46 21.33
C GLN C 147 10.65 -20.44 22.34
N LYS C 148 11.80 -21.02 22.01
CA LYS C 148 12.48 -21.96 22.90
C LYS C 148 12.87 -21.26 24.20
N GLU C 149 11.93 -21.21 25.15
CA GLU C 149 12.07 -20.46 26.39
C GLU C 149 12.59 -19.05 26.13
N GLN D 30 -26.59 6.38 0.90
CA GLN D 30 -26.32 7.73 0.39
C GLN D 30 -25.97 7.70 -1.09
N ASN D 31 -26.78 8.39 -1.90
CA ASN D 31 -26.42 8.59 -3.29
C ASN D 31 -25.18 9.45 -3.38
N ALA D 32 -24.37 9.17 -4.40
CA ALA D 32 -23.18 9.98 -4.68
C ALA D 32 -23.58 11.44 -4.81
N GLY D 33 -22.85 12.30 -4.12
CA GLY D 33 -23.11 13.72 -4.05
C GLY D 33 -21.83 14.50 -3.86
N PHE D 34 -21.76 15.68 -4.48
CA PHE D 34 -20.54 16.48 -4.46
C PHE D 34 -20.47 17.27 -3.16
N VAL D 35 -19.41 17.05 -2.37
CA VAL D 35 -19.19 17.95 -1.24
C VAL D 35 -18.32 19.12 -1.64
N LYS D 36 -17.42 18.91 -2.60
CA LYS D 36 -16.66 19.98 -3.21
C LYS D 36 -16.55 19.69 -4.70
N SER D 37 -16.96 20.62 -5.48
CA SER D 37 -16.92 20.48 -6.92
C SER D 37 -15.72 21.25 -7.48
N PRO D 38 -15.19 20.84 -8.64
CA PRO D 38 -14.09 21.62 -9.22
C PRO D 38 -14.52 23.03 -9.56
N MET D 39 -13.56 23.95 -9.42
CA MET D 39 -13.80 25.37 -9.61
C MET D 39 -13.06 25.88 -10.83
N SER D 40 -13.79 26.57 -11.70
CA SER D 40 -13.19 27.18 -12.89
C SER D 40 -12.01 28.07 -12.52
N GLU D 41 -11.04 28.13 -13.43
CA GLU D 41 -9.83 28.94 -13.24
C GLU D 41 -9.33 29.50 -14.56
N THR D 42 -8.61 30.61 -14.43
CA THR D 42 -7.82 31.19 -15.51
C THR D 42 -6.34 31.00 -15.23
N LYS D 43 -5.60 30.63 -16.27
CA LYS D 43 -4.16 30.38 -16.19
C LYS D 43 -3.48 31.01 -17.39
N LEU D 44 -2.16 31.12 -17.28
CA LEU D 44 -1.30 31.55 -18.38
C LEU D 44 -0.48 30.36 -18.87
N THR D 45 -0.09 30.43 -20.13
CA THR D 45 0.75 29.39 -20.72
C THR D 45 1.99 29.15 -19.87
N GLY D 46 2.37 27.89 -19.74
CA GLY D 46 3.48 27.48 -18.90
C GLY D 46 3.11 27.09 -17.49
N ASP D 47 1.98 27.58 -16.97
CA ASP D 47 1.60 27.27 -15.61
C ASP D 47 0.99 25.86 -15.54
N ALA D 48 0.59 25.45 -14.35
CA ALA D 48 -0.15 24.22 -14.14
C ALA D 48 -1.46 24.55 -13.42
N PHE D 49 -2.46 23.69 -13.58
CA PHE D 49 -3.66 23.83 -12.77
C PHE D 49 -3.91 22.53 -12.03
N GLU D 50 -4.64 22.64 -10.92
CA GLU D 50 -5.12 21.49 -10.16
C GLU D 50 -6.61 21.66 -9.89
N LEU D 51 -7.42 20.73 -10.35
CA LEU D 51 -8.84 20.73 -10.03
C LEU D 51 -9.11 19.67 -8.97
N TYR D 52 -10.13 19.91 -8.16
CA TYR D 52 -10.38 19.12 -6.97
C TYR D 52 -11.84 18.66 -6.98
N CYS D 53 -12.05 17.39 -6.69
CA CYS D 53 -13.39 16.80 -6.65
C CYS D 53 -13.50 15.92 -5.40
N ASP D 54 -14.52 16.16 -4.59
CA ASP D 54 -14.76 15.46 -3.33
C ASP D 54 -16.23 15.05 -3.28
N VAL D 55 -16.50 13.74 -3.20
CA VAL D 55 -17.85 13.20 -3.31
C VAL D 55 -18.14 12.27 -2.12
N VAL D 56 -19.34 12.37 -1.59
CA VAL D 56 -19.77 11.48 -0.52
C VAL D 56 -20.70 10.43 -1.09
N GLY D 57 -20.94 9.37 -0.32
CA GLY D 57 -21.84 8.33 -0.75
C GLY D 57 -21.61 7.05 0.02
N SER D 58 -22.57 6.15 -0.12
CA SER D 58 -22.50 4.83 0.48
C SER D 58 -23.09 3.79 -0.45
N PRO D 59 -22.28 2.93 -1.06
CA PRO D 59 -20.81 2.82 -0.90
C PRO D 59 -20.07 4.01 -1.50
N THR D 60 -18.76 4.05 -1.30
CA THR D 60 -17.98 5.19 -1.72
C THR D 60 -18.02 5.30 -3.25
N PRO D 61 -18.25 6.48 -3.80
CA PRO D 61 -18.42 6.60 -5.25
C PRO D 61 -17.11 6.55 -6.02
N GLU D 62 -17.20 5.99 -7.22
CA GLU D 62 -16.14 6.10 -8.21
C GLU D 62 -16.11 7.51 -8.81
N ILE D 63 -14.92 7.95 -9.21
CA ILE D 63 -14.72 9.28 -9.78
C ILE D 63 -14.00 9.14 -11.11
N GLN D 64 -14.49 9.86 -12.12
CA GLN D 64 -13.79 10.00 -13.39
C GLN D 64 -13.68 11.48 -13.73
N TRP D 65 -12.67 11.81 -14.54
CA TRP D 65 -12.50 13.14 -15.09
C TRP D 65 -12.69 13.09 -16.60
N TRP D 66 -13.50 14.01 -17.13
CA TRP D 66 -13.72 14.14 -18.56
C TRP D 66 -13.45 15.58 -19.01
N TYR D 67 -13.29 15.75 -20.32
CA TYR D 67 -12.93 17.02 -20.92
C TYR D 67 -13.66 17.20 -22.25
N ALA D 68 -13.89 18.45 -22.63
CA ALA D 68 -14.41 18.77 -23.95
C ALA D 68 -13.99 20.19 -24.28
N GLU D 69 -13.65 20.44 -25.56
CA GLU D 69 -13.36 21.80 -26.01
C GLU D 69 -14.59 22.69 -25.89
N VAL D 70 -15.75 22.15 -26.24
CA VAL D 70 -17.01 22.88 -26.19
C VAL D 70 -18.02 22.04 -25.42
N ASN D 71 -18.88 22.69 -24.63
CA ASN D 71 -19.74 21.96 -23.73
C ASN D 71 -20.86 21.26 -24.49
N ARG D 72 -20.49 20.27 -25.32
CA ARG D 72 -21.43 19.46 -26.08
C ARG D 72 -21.06 18.00 -25.95
N ALA D 73 -22.09 17.14 -25.85
CA ALA D 73 -21.89 15.71 -25.59
C ALA D 73 -20.87 15.09 -26.53
N GLU D 74 -20.87 15.49 -27.80
CA GLU D 74 -19.99 14.87 -28.79
C GLU D 74 -18.52 15.08 -28.45
N SER D 75 -18.19 16.14 -27.74
CA SER D 75 -16.80 16.53 -27.52
C SER D 75 -16.23 16.01 -26.21
N PHE D 76 -17.04 15.43 -25.34
CA PHE D 76 -16.52 14.93 -24.08
C PHE D 76 -15.83 13.59 -24.26
N ARG D 77 -14.61 13.48 -23.73
CA ARG D 77 -13.90 12.22 -23.64
C ARG D 77 -13.25 12.14 -22.26
N GLN D 78 -12.86 10.94 -21.87
CA GLN D 78 -12.34 10.71 -20.53
C GLN D 78 -10.84 10.99 -20.46
N LEU D 79 -10.43 11.67 -19.39
CA LEU D 79 -9.03 11.91 -19.12
C LEU D 79 -8.44 10.77 -18.33
N TRP D 80 -7.25 10.36 -18.70
CA TRP D 80 -6.54 9.29 -18.02
C TRP D 80 -5.18 9.81 -17.55
N ASP D 81 -4.75 9.28 -16.42
CA ASP D 81 -3.41 9.59 -15.91
C ASP D 81 -2.37 9.28 -16.96
N GLY D 82 -1.53 10.28 -17.27
CA GLY D 82 -0.50 10.12 -18.29
C GLY D 82 -0.85 10.69 -19.64
N ALA D 83 -2.09 11.13 -19.84
CA ALA D 83 -2.51 11.70 -21.12
C ALA D 83 -1.69 12.95 -21.45
N ARG D 84 -1.80 13.37 -22.72
CA ARG D 84 -1.17 14.62 -23.21
C ARG D 84 0.33 14.66 -22.89
N LYS D 85 1.03 13.60 -23.29
CA LYS D 85 2.48 13.46 -23.10
C LYS D 85 2.86 13.57 -21.63
N ARG D 86 2.08 12.90 -20.77
CA ARG D 86 2.30 12.83 -19.33
C ARG D 86 2.16 14.19 -18.64
N ARG D 87 1.51 15.16 -19.28
CA ARG D 87 1.19 16.38 -18.55
C ARG D 87 -0.05 16.22 -17.68
N VAL D 88 -0.83 15.14 -17.85
CA VAL D 88 -2.05 14.89 -17.11
C VAL D 88 -1.79 13.91 -15.98
N THR D 89 -2.16 14.29 -14.75
CA THR D 89 -2.14 13.42 -13.59
C THR D 89 -3.53 13.33 -12.99
N VAL D 90 -3.92 12.11 -12.58
CA VAL D 90 -5.11 11.88 -11.79
C VAL D 90 -4.71 11.08 -10.56
N ASN D 91 -4.84 11.69 -9.38
CA ASN D 91 -4.60 11.04 -8.10
C ASN D 91 -5.93 10.99 -7.36
N THR D 92 -6.54 9.81 -7.28
CA THR D 92 -7.83 9.64 -6.60
C THR D 92 -7.65 8.75 -5.38
N ALA D 93 -8.19 9.18 -4.24
CA ALA D 93 -8.20 8.38 -3.03
C ALA D 93 -9.64 8.03 -2.66
N TYR D 94 -9.88 6.77 -2.30
CA TYR D 94 -11.21 6.31 -1.94
C TYR D 94 -11.24 5.97 -0.45
N GLY D 95 -11.88 6.85 0.34
CA GLY D 95 -12.07 6.60 1.76
C GLY D 95 -13.53 6.51 2.13
N SER D 96 -13.97 7.23 3.16
CA SER D 96 -15.40 7.48 3.31
C SER D 96 -15.92 8.20 2.07
N ASN D 97 -15.24 9.28 1.69
CA ASN D 97 -15.47 10.02 0.47
C ASN D 97 -14.53 9.56 -0.64
N GLY D 98 -14.90 9.89 -1.87
CA GLY D 98 -13.99 9.85 -2.98
C GLY D 98 -13.42 11.24 -3.19
N VAL D 99 -12.09 11.34 -3.10
CA VAL D 99 -11.37 12.61 -3.21
C VAL D 99 -10.36 12.50 -4.34
N SER D 100 -10.50 13.35 -5.36
CA SER D 100 -9.63 13.27 -6.52
C SER D 100 -9.08 14.64 -6.89
N VAL D 101 -7.86 14.64 -7.38
CA VAL D 101 -7.23 15.84 -7.92
C VAL D 101 -6.80 15.54 -9.34
N LEU D 102 -7.12 16.44 -10.26
CA LEU D 102 -6.68 16.40 -11.65
C LEU D 102 -5.70 17.56 -11.85
N ARG D 103 -4.48 17.24 -12.23
CA ARG D 103 -3.46 18.25 -12.45
C ARG D 103 -2.96 18.15 -13.89
N ILE D 104 -2.78 19.31 -14.54
CA ILE D 104 -2.20 19.35 -15.87
C ILE D 104 -1.13 20.43 -15.88
N THR D 105 0.06 20.09 -16.38
CA THR D 105 1.22 20.97 -16.36
C THR D 105 1.52 21.53 -17.75
N ARG D 106 2.45 22.48 -17.77
CA ARG D 106 2.91 23.16 -18.99
C ARG D 106 1.73 23.50 -19.88
N LEU D 107 0.84 24.31 -19.31
CA LEU D 107 -0.43 24.59 -19.98
C LEU D 107 -0.21 25.32 -21.30
N THR D 108 -0.95 24.89 -22.33
CA THR D 108 -1.01 25.52 -23.64
C THR D 108 -2.40 26.07 -23.88
N LEU D 109 -2.50 26.92 -24.92
CA LEU D 109 -3.80 27.46 -25.31
C LEU D 109 -4.81 26.35 -25.59
N GLU D 110 -4.37 25.26 -26.21
CA GLU D 110 -5.27 24.16 -26.56
C GLU D 110 -5.74 23.35 -25.36
N ASP D 111 -5.20 23.59 -24.16
CA ASP D 111 -5.76 22.95 -22.96
C ASP D 111 -7.02 23.64 -22.45
N SER D 112 -7.38 24.81 -22.99
CA SER D 112 -8.60 25.47 -22.55
C SER D 112 -9.81 24.58 -22.80
N GLY D 113 -10.81 24.68 -21.94
CA GLY D 113 -12.07 24.00 -22.20
C GLY D 113 -12.83 23.71 -20.91
N THR D 114 -13.80 22.83 -21.03
CA THR D 114 -14.65 22.43 -19.92
C THR D 114 -14.10 21.14 -19.33
N TYR D 115 -13.79 21.17 -18.04
CA TYR D 115 -13.34 20.00 -17.33
C TYR D 115 -14.42 19.60 -16.34
N GLU D 116 -14.53 18.28 -16.11
CA GLU D 116 -15.69 17.69 -15.48
C GLU D 116 -15.28 16.54 -14.59
N CYS D 117 -15.66 16.60 -13.32
CA CYS D 117 -15.65 15.43 -12.44
C CYS D 117 -16.99 14.70 -12.56
N ARG D 118 -16.93 13.40 -12.81
CA ARG D 118 -18.12 12.54 -12.84
C ARG D 118 -18.05 11.53 -11.70
N ALA D 119 -19.17 11.31 -11.02
CA ALA D 119 -19.22 10.42 -9.86
C ALA D 119 -20.46 9.55 -9.91
N SER D 120 -20.34 8.33 -9.38
CA SER D 120 -21.45 7.40 -9.29
C SER D 120 -21.10 6.30 -8.29
N ASN D 121 -22.07 5.91 -7.46
CA ASN D 121 -21.96 4.67 -6.69
C ASN D 121 -23.11 3.73 -7.02
N ASP D 122 -23.63 3.85 -8.23
CA ASP D 122 -24.66 2.94 -8.71
C ASP D 122 -24.04 1.60 -9.08
N PRO D 123 -24.54 0.49 -8.54
CA PRO D 123 -23.89 -0.82 -8.77
C PRO D 123 -23.64 -1.16 -10.23
N LYS D 124 -24.54 -0.78 -11.12
CA LYS D 124 -24.36 -1.02 -12.55
C LYS D 124 -23.85 0.21 -13.28
N ARG D 125 -23.11 1.08 -12.58
CA ARG D 125 -22.62 2.32 -13.19
C ARG D 125 -21.72 2.07 -14.39
N ASN D 126 -21.09 0.88 -14.43
CA ASN D 126 -20.12 0.60 -15.51
C ASN D 126 -20.67 -0.44 -16.49
N ASP D 127 -21.80 -1.07 -16.14
CA ASP D 127 -22.43 -2.11 -16.99
C ASP D 127 -22.95 -1.45 -18.27
N ASN D 131 -28.66 1.30 -21.41
CA ASN D 131 -28.39 2.08 -20.17
C ASN D 131 -27.06 2.80 -20.33
N PRO D 132 -27.06 4.10 -20.69
CA PRO D 132 -25.83 4.84 -20.90
C PRO D 132 -25.23 5.42 -19.61
N SER D 133 -24.80 6.69 -19.67
CA SER D 133 -24.22 7.35 -18.52
C SER D 133 -25.26 8.07 -17.65
N ILE D 134 -26.50 7.58 -17.63
CA ILE D 134 -27.56 8.21 -16.86
C ILE D 134 -27.40 7.94 -15.36
N THR D 135 -26.40 7.15 -14.98
CA THR D 135 -26.20 6.83 -13.57
C THR D 135 -25.08 7.62 -12.92
N TRP D 136 -24.53 8.63 -13.60
CA TRP D 136 -23.48 9.48 -13.04
C TRP D 136 -23.96 10.92 -12.88
N ILE D 137 -23.47 11.60 -11.84
CA ILE D 137 -23.63 13.05 -11.74
C ILE D 137 -22.35 13.72 -12.22
N ARG D 138 -22.48 14.98 -12.67
CA ARG D 138 -21.37 15.75 -13.22
C ARG D 138 -21.28 17.08 -12.50
N ALA D 139 -20.06 17.60 -12.42
CA ALA D 139 -19.79 18.95 -11.92
C ALA D 139 -18.68 19.55 -12.75
N GLN D 140 -18.92 20.71 -13.35
CA GLN D 140 -18.06 21.23 -14.40
C GLN D 140 -17.26 22.46 -13.96
N ALA D 141 -16.15 22.67 -14.64
CA ALA D 141 -15.34 23.86 -14.44
C ALA D 141 -14.72 24.26 -15.76
N THR D 142 -14.61 25.57 -15.98
CA THR D 142 -13.99 26.12 -17.18
C THR D 142 -12.54 26.45 -16.89
N ILE D 143 -11.63 25.99 -17.76
CA ILE D 143 -10.22 26.36 -17.68
C ILE D 143 -9.91 27.22 -18.89
N SER D 144 -9.59 28.50 -18.66
CA SER D 144 -9.20 29.43 -19.71
C SER D 144 -7.70 29.71 -19.60
N VAL D 145 -6.96 29.34 -20.64
CA VAL D 145 -5.51 29.51 -20.69
C VAL D 145 -5.19 30.62 -21.68
N LEU D 146 -4.49 31.65 -21.22
CA LEU D 146 -4.12 32.81 -22.04
C LEU D 146 -2.62 32.82 -22.28
N GLN D 147 -2.22 33.39 -23.41
CA GLN D 147 -0.81 33.43 -23.80
C GLN D 147 -0.01 34.36 -22.91
N LYS D 148 1.10 33.86 -22.36
CA LYS D 148 2.07 34.70 -21.66
C LYS D 148 2.84 35.48 -22.72
N GLU D 149 2.20 36.56 -23.20
CA GLU D 149 2.72 37.33 -24.33
C GLU D 149 3.52 38.55 -23.85
#